data_4HAI
#
_entry.id   4HAI
#
_cell.length_a   92.320
_cell.length_b   92.320
_cell.length_c   243.982
_cell.angle_alpha   90.00
_cell.angle_beta   90.00
_cell.angle_gamma   120.00
#
_symmetry.space_group_name_H-M   'P 65 2 2'
#
loop_
_entity.id
_entity.type
_entity.pdbx_description
1 polymer 'Bifunctional epoxide hydrolase 2'
2 non-polymer 'PHOSPHATE ION'
3 non-polymer 'MAGNESIUM ION'
4 non-polymer N-cycloheptyl-1-[(2,4,6-trimethylphenyl)sulfonyl]piperidine-4-carboxamide
5 water water
#
_entity_poly.entity_id   1
_entity_poly.type   'polypeptide(L)'
_entity_poly.pdbx_seq_one_letter_code
;MTLRAAVFDLDGVLALPAVFGVLGRTEEALALPRGLLNDAFQKGGPEGATTRLMKGEITLSQWIPLMEENCRKCSETAKV
CLPKNFSIKEIFDKAISARKINRPMLQAALMLRKKGFTTAILTNTWLDDRAERDGLAQLMCELKMHFDFLIESCQVGMVK
PEPQIYKFLLDTLKASPSEVVFLDDIGANLKPARDLGMVTILVQDTDTALKELEKVTGIQLLNTPAPLPTSCNPSDMSHG
YVTVKPRVRLHFVELGSGPAVCLCHGFPESWYSWRYQIPALAQAGYRVLAMDMKGYGESSAPPEIEEYCMEVLCKEMVTF
LDKLGLSQAVFIGHDWGGMLVWYMALFYPERVRAVASLNTPFIPANPNMSPLESIKANPVFDYQLYFQEPGVAEAELEQN
LSRTFKSLFRASDESVLSMHKVCEAGGLFVNSPEEPSLSRMVTEEEIQFYVQQFKKSGFRGPLNWYRNMERNWKWACKSL
GRKILIPALMVTAEKDFVLVPQMSQHMEDWIPHLKRGHIEDCGHWTQMDKPTEVNQILIKWLDSDARNPPVVSKM
;
_entity_poly.pdbx_strand_id   A
#
loop_
_chem_comp.id
_chem_comp.type
_chem_comp.name
_chem_comp.formula
I23 non-polymer N-cycloheptyl-1-[(2,4,6-trimethylphenyl)sulfonyl]piperidine-4-carboxamide 'C22 H34 N2 O3 S'
MG non-polymer 'MAGNESIUM ION' 'Mg 2'
PO4 non-polymer 'PHOSPHATE ION' 'O4 P -3'
#
# COMPACT_ATOMS: atom_id res chain seq x y z
N MET A 1 -8.75 32.23 16.45
CA MET A 1 -7.75 31.13 16.62
C MET A 1 -6.97 30.87 15.32
N THR A 2 -5.86 30.15 15.43
CA THR A 2 -5.14 29.63 14.27
C THR A 2 -4.69 28.18 14.54
N LEU A 3 -5.36 27.26 13.87
CA LEU A 3 -5.28 25.84 14.19
C LEU A 3 -4.07 25.25 13.51
N ARG A 4 -3.38 24.33 14.20
CA ARG A 4 -2.36 23.50 13.56
C ARG A 4 -2.44 22.01 13.98
N ALA A 5 -3.57 21.62 14.56
CA ALA A 5 -3.78 20.26 15.06
C ALA A 5 -5.25 19.85 14.91
N ALA A 6 -5.48 18.62 14.43
CA ALA A 6 -6.84 18.05 14.35
C ALA A 6 -6.92 16.73 15.12
N VAL A 7 -7.93 16.61 15.99
CA VAL A 7 -8.16 15.39 16.77
C VAL A 7 -9.49 14.77 16.37
N PHE A 8 -9.49 13.48 16.09
CA PHE A 8 -10.70 12.78 15.68
C PHE A 8 -11.13 11.68 16.64
N ASP A 9 -12.38 11.72 17.08
CA ASP A 9 -13.05 10.58 17.74
C ASP A 9 -12.97 9.39 16.77
N LEU A 10 -13.09 8.19 17.29
CA LEU A 10 -13.05 6.99 16.45
C LEU A 10 -14.49 6.57 16.15
N ASP A 11 -15.09 5.84 17.08
CA ASP A 11 -16.45 5.36 16.90
C ASP A 11 -17.34 6.54 16.61
N GLY A 12 -17.95 6.52 15.43
CA GLY A 12 -18.88 7.55 15.02
C GLY A 12 -18.29 8.65 14.16
N VAL A 13 -16.96 8.69 14.06
CA VAL A 13 -16.29 9.76 13.32
C VAL A 13 -15.38 9.12 12.27
N LEU A 14 -14.29 8.50 12.71
CA LEU A 14 -13.44 7.74 11.78
C LEU A 14 -13.94 6.33 11.44
N ALA A 15 -14.92 5.82 12.18
CA ALA A 15 -15.41 4.45 11.98
C ALA A 15 -16.94 4.43 12.05
N LEU A 16 -17.58 3.88 11.01
CA LEU A 16 -19.04 3.98 10.87
C LEU A 16 -19.75 2.63 10.85
N PRO A 17 -21.09 2.66 10.97
CA PRO A 17 -21.88 2.07 12.01
C PRO A 17 -21.21 2.22 13.38
N ALA A 18 -21.53 3.31 14.06
CA ALA A 18 -21.15 3.48 15.46
C ALA A 18 -21.74 2.34 16.30
N VAL A 19 -20.99 1.85 17.27
CA VAL A 19 -21.40 0.67 18.03
C VAL A 19 -22.60 0.91 18.96
N PHE A 20 -22.90 2.17 19.28
CA PHE A 20 -24.16 2.54 19.97
C PHE A 20 -25.34 2.40 18.99
N GLY A 21 -25.04 2.47 17.69
CA GLY A 21 -26.02 2.20 16.64
C GLY A 21 -26.34 0.74 16.40
N VAL A 22 -25.65 -0.14 17.13
CA VAL A 22 -26.04 -1.55 17.22
C VAL A 22 -26.77 -1.80 18.54
N LEU A 23 -26.27 -1.24 19.64
CA LEU A 23 -27.03 -1.17 20.90
C LEU A 23 -28.49 -0.79 20.61
N GLY A 24 -28.68 0.25 19.80
CA GLY A 24 -30.01 0.80 19.51
C GLY A 24 -30.85 -0.09 18.60
N ARG A 25 -30.28 -0.49 17.47
CA ARG A 25 -30.99 -1.36 16.52
C ARG A 25 -31.49 -2.66 17.17
N THR A 26 -30.62 -3.28 17.97
CA THR A 26 -30.94 -4.53 18.66
C THR A 26 -32.15 -4.42 19.59
N GLU A 27 -32.25 -3.32 20.34
CA GLU A 27 -33.43 -3.08 21.18
C GLU A 27 -34.68 -3.18 20.32
N GLU A 28 -34.73 -2.41 19.22
CA GLU A 28 -35.87 -2.43 18.29
C GLU A 28 -36.10 -3.84 17.74
N ALA A 29 -35.10 -4.39 17.05
CA ALA A 29 -35.19 -5.75 16.52
C ALA A 29 -35.93 -6.71 17.46
N LEU A 30 -35.50 -6.77 18.72
CA LEU A 30 -36.06 -7.70 19.71
C LEU A 30 -37.24 -7.15 20.49
N ALA A 31 -37.67 -5.92 20.19
CA ALA A 31 -38.78 -5.28 20.90
C ALA A 31 -38.55 -5.18 22.44
N LEU A 32 -37.31 -4.87 22.82
CA LEU A 32 -36.97 -4.56 24.20
C LEU A 32 -37.36 -3.12 24.50
N PRO A 33 -37.70 -2.82 25.76
CA PRO A 33 -37.86 -1.44 26.21
C PRO A 33 -36.79 -0.51 25.65
N ARG A 34 -37.20 0.64 25.15
CA ARG A 34 -36.24 1.58 24.58
C ARG A 34 -35.14 1.94 25.57
N GLY A 35 -33.89 1.79 25.12
CA GLY A 35 -32.72 2.14 25.91
C GLY A 35 -32.26 1.13 26.96
N LEU A 36 -32.89 -0.04 27.04
CA LEU A 36 -32.51 -1.03 28.06
C LEU A 36 -31.06 -1.45 27.93
N LEU A 37 -30.65 -1.80 26.71
CA LEU A 37 -29.27 -2.16 26.44
C LEU A 37 -28.29 -1.02 26.77
N ASN A 38 -28.70 0.22 26.53
CA ASN A 38 -27.88 1.40 26.85
C ASN A 38 -27.88 1.74 28.35
N ASP A 39 -28.95 1.39 29.06
CA ASP A 39 -28.97 1.50 30.53
C ASP A 39 -27.96 0.55 31.15
N ALA A 40 -27.99 -0.70 30.72
CA ALA A 40 -27.10 -1.74 31.23
C ALA A 40 -25.62 -1.43 30.94
N PHE A 41 -25.36 -0.85 29.78
CA PHE A 41 -24.03 -0.44 29.35
C PHE A 41 -23.43 0.69 30.22
N GLN A 42 -24.25 1.60 30.71
CA GLN A 42 -23.75 2.74 31.50
C GLN A 42 -24.01 2.61 33.01
N LYS A 43 -24.41 1.41 33.44
CA LYS A 43 -24.77 1.18 34.84
C LYS A 43 -23.57 1.36 35.77
N GLY A 44 -23.72 2.22 36.78
CA GLY A 44 -22.66 2.52 37.74
C GLY A 44 -21.93 3.82 37.48
N GLY A 45 -22.07 4.35 36.26
CA GLY A 45 -21.50 5.66 35.91
C GLY A 45 -19.97 5.67 35.86
N PRO A 46 -19.35 6.60 36.61
CA PRO A 46 -17.88 6.64 36.69
C PRO A 46 -17.22 5.40 37.29
N GLU A 47 -17.86 4.73 38.24
CA GLU A 47 -17.30 3.50 38.82
C GLU A 47 -18.05 2.21 38.39
N GLY A 48 -18.68 2.25 37.21
CA GLY A 48 -19.35 1.07 36.66
C GLY A 48 -18.46 0.21 35.79
N ALA A 49 -18.92 -1.00 35.50
CA ALA A 49 -18.19 -1.94 34.68
C ALA A 49 -17.63 -1.32 33.40
N THR A 50 -18.42 -0.51 32.71
CA THR A 50 -17.97 0.03 31.43
C THR A 50 -16.82 1.02 31.58
N THR A 51 -16.87 1.88 32.58
CA THR A 51 -15.75 2.80 32.78
C THR A 51 -14.46 2.07 33.13
N ARG A 52 -14.57 1.02 33.92
CA ARG A 52 -13.43 0.21 34.27
C ARG A 52 -12.84 -0.43 33.01
N LEU A 53 -13.72 -0.85 32.12
CA LEU A 53 -13.31 -1.41 30.85
C LEU A 53 -12.56 -0.36 30.05
N MET A 54 -13.19 0.80 29.86
CA MET A 54 -12.61 1.88 29.08
C MET A 54 -11.28 2.40 29.64
N LYS A 55 -11.05 2.21 30.94
CA LYS A 55 -9.82 2.67 31.59
C LYS A 55 -8.72 1.59 31.60
N GLY A 56 -9.03 0.40 31.08
CA GLY A 56 -8.07 -0.67 30.99
C GLY A 56 -7.85 -1.45 32.28
N GLU A 57 -8.78 -1.32 33.23
CA GLU A 57 -8.72 -2.07 34.48
C GLU A 57 -9.15 -3.50 34.27
N ILE A 58 -10.08 -3.70 33.33
CA ILE A 58 -10.51 -5.04 32.92
C ILE A 58 -10.59 -5.15 31.40
N THR A 59 -10.49 -6.39 30.92
CA THR A 59 -10.52 -6.68 29.49
C THR A 59 -11.96 -6.84 29.01
N LEU A 60 -12.15 -6.88 27.69
CA LEU A 60 -13.48 -6.98 27.11
C LEU A 60 -14.17 -8.29 27.48
N SER A 61 -13.44 -9.40 27.49
CA SER A 61 -14.01 -10.69 27.88
C SER A 61 -14.36 -10.77 29.36
N GLN A 62 -13.66 -9.99 30.20
CA GLN A 62 -14.05 -9.82 31.59
C GLN A 62 -15.37 -9.04 31.67
N TRP A 63 -15.54 -8.10 30.76
CA TRP A 63 -16.67 -7.18 30.81
C TRP A 63 -17.97 -7.79 30.33
N ILE A 64 -17.90 -8.72 29.37
CA ILE A 64 -19.11 -9.30 28.80
C ILE A 64 -20.06 -9.79 29.86
N PRO A 65 -19.59 -10.64 30.77
CA PRO A 65 -20.52 -11.16 31.78
C PRO A 65 -20.98 -10.13 32.81
N LEU A 66 -20.17 -9.10 33.09
CA LEU A 66 -20.64 -7.98 33.94
C LEU A 66 -21.81 -7.21 33.27
N MET A 67 -21.69 -6.98 31.96
CA MET A 67 -22.75 -6.40 31.14
C MET A 67 -23.99 -7.29 31.04
N GLU A 68 -23.83 -8.61 30.94
CA GLU A 68 -24.97 -9.54 30.93
C GLU A 68 -25.74 -9.38 32.25
N GLU A 69 -25.00 -9.34 33.34
CA GLU A 69 -25.53 -9.03 34.65
C GLU A 69 -26.43 -7.80 34.59
N ASN A 70 -25.86 -6.69 34.15
CA ASN A 70 -26.56 -5.41 34.11
C ASN A 70 -27.78 -5.43 33.17
N CYS A 71 -27.72 -6.22 32.10
CA CYS A 71 -28.89 -6.48 31.24
C CYS A 71 -29.97 -7.26 31.99
N ARG A 72 -29.57 -8.10 32.95
CA ARG A 72 -30.50 -8.80 33.83
C ARG A 72 -31.16 -7.84 34.83
N LYS A 73 -30.34 -7.07 35.58
CA LYS A 73 -30.86 -6.15 36.61
C LYS A 73 -31.69 -4.98 36.06
N CYS A 74 -31.33 -4.47 34.87
CA CYS A 74 -32.18 -3.51 34.15
C CYS A 74 -33.45 -4.20 33.65
N SER A 75 -33.33 -5.48 33.29
CA SER A 75 -34.46 -6.29 32.83
C SER A 75 -35.35 -6.78 33.98
N GLU A 76 -34.87 -6.62 35.23
CA GLU A 76 -35.67 -6.87 36.43
C GLU A 76 -36.48 -5.62 36.80
N THR A 77 -35.78 -4.51 37.06
CA THR A 77 -36.42 -3.27 37.51
C THR A 77 -37.16 -2.50 36.38
N ALA A 78 -36.88 -2.83 35.11
CA ALA A 78 -37.68 -2.32 33.98
C ALA A 78 -38.90 -3.21 33.67
N LYS A 79 -38.99 -4.36 34.36
CA LYS A 79 -40.17 -5.25 34.34
C LYS A 79 -40.40 -5.94 32.99
N VAL A 80 -39.44 -6.77 32.59
CA VAL A 80 -39.56 -7.62 31.39
C VAL A 80 -38.81 -8.93 31.64
N CYS A 81 -38.52 -9.67 30.58
CA CYS A 81 -37.57 -10.79 30.63
C CYS A 81 -36.90 -10.94 29.26
N LEU A 82 -35.59 -11.17 29.27
CA LEU A 82 -34.78 -11.20 28.05
C LEU A 82 -35.17 -12.42 27.18
N PRO A 83 -35.00 -12.31 25.84
CA PRO A 83 -35.24 -13.48 24.96
C PRO A 83 -34.30 -14.66 25.26
N LYS A 84 -34.77 -15.87 24.98
CA LYS A 84 -34.18 -17.11 25.55
C LYS A 84 -32.69 -17.28 25.27
N ASN A 85 -32.28 -17.01 24.04
CA ASN A 85 -30.86 -17.09 23.64
C ASN A 85 -30.24 -15.71 23.43
N PHE A 86 -30.39 -14.85 24.42
CA PHE A 86 -29.80 -13.50 24.41
C PHE A 86 -28.30 -13.58 24.70
N SER A 87 -27.49 -13.07 23.77
CA SER A 87 -26.03 -13.12 23.88
C SER A 87 -25.37 -11.76 23.62
N ILE A 88 -24.94 -11.11 24.71
CA ILE A 88 -24.23 -9.85 24.61
C ILE A 88 -22.97 -10.00 23.77
N LYS A 89 -22.30 -11.14 23.91
CA LYS A 89 -21.12 -11.39 23.11
C LYS A 89 -21.45 -11.33 21.61
N GLU A 90 -22.57 -11.95 21.22
CA GLU A 90 -22.93 -12.04 19.82
C GLU A 90 -23.32 -10.70 19.25
N ILE A 91 -24.03 -9.91 20.05
CA ILE A 91 -24.44 -8.57 19.62
C ILE A 91 -23.24 -7.69 19.32
N PHE A 92 -22.22 -7.75 20.17
CA PHE A 92 -21.00 -6.93 20.00
C PHE A 92 -20.05 -7.43 18.92
N ASP A 93 -19.93 -8.73 18.77
CA ASP A 93 -19.16 -9.28 17.66
C ASP A 93 -19.71 -8.70 16.33
N LYS A 94 -21.01 -8.79 16.12
CA LYS A 94 -21.64 -8.24 14.91
C LYS A 94 -21.39 -6.73 14.78
N ALA A 95 -21.63 -6.00 15.87
CA ALA A 95 -21.42 -4.55 15.88
C ALA A 95 -19.98 -4.20 15.52
N ILE A 96 -19.04 -4.81 16.24
CA ILE A 96 -17.63 -4.51 16.07
C ILE A 96 -17.11 -4.74 14.64
N SER A 97 -17.51 -5.86 14.03
CA SER A 97 -17.07 -6.19 12.66
C SER A 97 -17.88 -5.45 11.57
N ALA A 98 -19.13 -5.09 11.90
CA ALA A 98 -19.94 -4.25 11.03
C ALA A 98 -19.32 -2.87 10.84
N ARG A 99 -18.58 -2.41 11.85
CA ARG A 99 -17.98 -1.08 11.81
C ARG A 99 -16.84 -1.01 10.80
N LYS A 100 -16.83 0.01 9.95
CA LYS A 100 -15.70 0.21 8.99
C LYS A 100 -15.19 1.65 9.03
N ILE A 101 -14.02 1.84 8.44
CA ILE A 101 -13.40 3.17 8.32
C ILE A 101 -14.32 4.08 7.52
N ASN A 102 -14.57 5.27 8.05
CA ASN A 102 -15.29 6.28 7.33
C ASN A 102 -14.30 6.97 6.39
N ARG A 103 -14.28 6.55 5.13
CA ARG A 103 -13.22 6.96 4.20
C ARG A 103 -13.11 8.46 3.97
N PRO A 104 -14.25 9.18 3.80
CA PRO A 104 -14.16 10.63 3.64
C PRO A 104 -13.55 11.35 4.84
N MET A 105 -13.87 10.88 6.04
CA MET A 105 -13.28 11.43 7.25
C MET A 105 -11.77 11.14 7.30
N LEU A 106 -11.38 9.91 6.95
CA LEU A 106 -9.96 9.61 6.89
C LEU A 106 -9.30 10.47 5.83
N GLN A 107 -9.92 10.65 4.66
CA GLN A 107 -9.32 11.51 3.63
C GLN A 107 -9.14 12.92 4.16
N ALA A 108 -10.16 13.44 4.82
CA ALA A 108 -10.05 14.78 5.41
C ALA A 108 -8.88 14.83 6.41
N ALA A 109 -8.71 13.79 7.24
CA ALA A 109 -7.58 13.74 8.17
C ALA A 109 -6.25 13.75 7.42
N LEU A 110 -6.19 12.95 6.35
CA LEU A 110 -5.01 12.89 5.51
C LEU A 110 -4.67 14.29 5.00
N MET A 111 -5.63 14.91 4.34
CA MET A 111 -5.40 16.21 3.73
C MET A 111 -4.80 17.17 4.74
N LEU A 112 -5.44 17.30 5.91
CA LEU A 112 -4.97 18.21 6.94
C LEU A 112 -3.52 17.92 7.31
N ARG A 113 -3.21 16.63 7.52
CA ARG A 113 -1.83 16.26 7.80
C ARG A 113 -0.89 16.69 6.67
N LYS A 114 -1.32 16.43 5.44
CA LYS A 114 -0.54 16.75 4.25
C LYS A 114 -0.19 18.23 4.21
N LYS A 115 -1.11 19.07 4.67
CA LYS A 115 -0.89 20.52 4.73
C LYS A 115 -0.31 21.00 6.08
N GLY A 116 0.40 20.13 6.80
CA GLY A 116 1.16 20.56 7.98
C GLY A 116 0.53 20.33 9.35
N PHE A 117 -0.76 19.94 9.39
CA PHE A 117 -1.42 19.69 10.68
C PHE A 117 -0.87 18.47 11.41
N THR A 118 -0.83 18.58 12.74
CA THR A 118 -0.61 17.41 13.59
C THR A 118 -1.96 16.76 13.80
N THR A 119 -2.05 15.44 13.63
CA THR A 119 -3.33 14.76 13.79
C THR A 119 -3.27 13.74 14.88
N ALA A 120 -4.41 13.47 15.51
CA ALA A 120 -4.49 12.44 16.55
C ALA A 120 -5.87 11.83 16.61
N ILE A 121 -5.91 10.58 17.08
CA ILE A 121 -7.16 9.92 17.40
C ILE A 121 -7.26 9.90 18.91
N LEU A 122 -8.43 10.29 19.41
CA LEU A 122 -8.74 10.19 20.83
C LEU A 122 -10.01 9.38 20.98
N THR A 123 -9.90 8.21 21.61
CA THR A 123 -10.99 7.26 21.61
C THR A 123 -11.11 6.54 22.94
N ASN A 124 -12.35 6.34 23.38
CA ASN A 124 -12.64 5.47 24.50
C ASN A 124 -12.78 4.09 23.93
N THR A 125 -11.83 3.21 24.24
CA THR A 125 -11.86 1.86 23.71
C THR A 125 -11.27 0.91 24.75
N TRP A 126 -11.10 -0.36 24.36
CA TRP A 126 -10.88 -1.43 25.33
C TRP A 126 -9.78 -2.37 24.95
N LEU A 127 -9.21 -3.01 25.97
CA LEU A 127 -8.30 -4.12 25.76
C LEU A 127 -9.15 -5.29 25.25
N ASP A 128 -8.95 -5.63 23.97
CA ASP A 128 -9.81 -6.59 23.28
C ASP A 128 -9.14 -7.94 23.28
N ASP A 129 -9.74 -8.88 24.02
CA ASP A 129 -9.21 -10.24 24.12
C ASP A 129 -10.21 -11.28 23.63
N ARG A 130 -11.13 -10.88 22.77
CA ARG A 130 -12.11 -11.82 22.24
C ARG A 130 -11.36 -12.73 21.27
N ALA A 131 -11.88 -13.93 21.07
CA ALA A 131 -11.35 -14.82 20.02
C ALA A 131 -11.28 -14.10 18.67
N GLU A 132 -12.20 -13.18 18.40
CA GLU A 132 -12.30 -12.56 17.06
C GLU A 132 -11.74 -11.13 17.03
N ARG A 133 -10.76 -10.89 17.91
CA ARG A 133 -10.15 -9.58 18.08
C ARG A 133 -9.30 -9.10 16.89
N ASP A 134 -8.86 -10.00 16.01
CA ASP A 134 -7.97 -9.59 14.91
C ASP A 134 -8.66 -8.59 13.99
N GLY A 135 -9.97 -8.70 13.85
CA GLY A 135 -10.74 -7.77 13.04
C GLY A 135 -10.47 -6.34 13.44
N LEU A 136 -10.75 -6.02 14.69
CA LEU A 136 -10.56 -4.66 15.17
C LEU A 136 -9.06 -4.29 15.15
N ALA A 137 -8.16 -5.23 15.48
CA ALA A 137 -6.72 -4.96 15.44
C ALA A 137 -6.33 -4.44 14.07
N GLN A 138 -6.79 -5.14 13.03
CA GLN A 138 -6.54 -4.72 11.65
C GLN A 138 -7.02 -3.30 11.41
N LEU A 139 -8.26 -3.02 11.81
CA LEU A 139 -8.84 -1.71 11.59
C LEU A 139 -7.93 -0.66 12.21
N MET A 140 -7.69 -0.79 13.53
CA MET A 140 -6.80 0.13 14.26
C MET A 140 -5.45 0.29 13.58
N CYS A 141 -4.95 -0.79 13.01
CA CYS A 141 -3.68 -0.73 12.32
C CYS A 141 -3.72 0.16 11.11
N GLU A 142 -4.77 0.03 10.30
CA GLU A 142 -4.87 0.78 9.07
C GLU A 142 -4.94 2.27 9.41
N LEU A 143 -5.79 2.58 10.39
CA LEU A 143 -5.96 3.95 10.85
C LEU A 143 -4.65 4.54 11.39
N LYS A 144 -4.01 3.88 12.35
CA LYS A 144 -2.93 4.55 13.09
C LYS A 144 -1.72 4.99 12.27
N MET A 145 -1.39 4.29 11.19
CA MET A 145 -0.25 4.70 10.35
C MET A 145 -0.48 6.10 9.75
N HIS A 146 -1.74 6.52 9.59
CA HIS A 146 -2.07 7.86 9.05
C HIS A 146 -2.11 8.99 10.06
N PHE A 147 -1.83 8.71 11.34
CA PHE A 147 -1.88 9.77 12.37
C PHE A 147 -0.63 9.87 13.19
N ASP A 148 -0.40 11.04 13.78
CA ASP A 148 0.77 11.25 14.62
C ASP A 148 0.61 10.51 15.93
N PHE A 149 -0.63 10.42 16.39
CA PHE A 149 -0.88 9.86 17.71
C PHE A 149 -2.20 9.11 17.72
N LEU A 150 -2.20 7.99 18.43
CA LEU A 150 -3.40 7.28 18.76
C LEU A 150 -3.44 7.23 20.27
N ILE A 151 -4.42 7.89 20.84
CA ILE A 151 -4.58 7.91 22.28
C ILE A 151 -5.81 7.08 22.63
N GLU A 152 -5.59 5.91 23.23
CA GLU A 152 -6.68 5.00 23.66
C GLU A 152 -6.93 5.12 25.15
N SER A 153 -8.20 5.23 25.53
CA SER A 153 -8.57 5.37 26.94
C SER A 153 -7.96 4.25 27.79
N CYS A 154 -8.07 3.02 27.33
CA CYS A 154 -7.59 1.88 28.11
C CYS A 154 -6.06 1.78 28.17
N GLN A 155 -5.38 2.59 27.36
CA GLN A 155 -3.93 2.61 27.37
C GLN A 155 -3.41 3.65 28.35
N VAL A 156 -4.11 4.78 28.45
CA VAL A 156 -3.70 5.90 29.30
C VAL A 156 -4.39 5.93 30.68
N GLY A 157 -5.38 5.06 30.86
CA GLY A 157 -6.06 4.93 32.14
C GLY A 157 -6.99 6.09 32.46
N MET A 158 -7.36 6.82 31.41
CA MET A 158 -8.23 7.99 31.53
C MET A 158 -9.25 7.86 30.43
N VAL A 159 -10.39 8.51 30.60
CA VAL A 159 -11.53 8.26 29.74
C VAL A 159 -12.11 9.60 29.29
N LYS A 160 -13.06 9.57 28.39
CA LYS A 160 -13.35 10.76 27.61
C LYS A 160 -14.70 11.36 27.88
N PRO A 161 -14.88 11.92 29.06
CA PRO A 161 -15.26 13.32 29.22
C PRO A 161 -14.38 13.96 30.31
N GLU A 162 -13.50 13.15 30.90
CA GLU A 162 -12.69 13.56 32.05
C GLU A 162 -11.70 14.61 31.60
N PRO A 163 -11.67 15.76 32.28
CA PRO A 163 -10.77 16.84 31.83
C PRO A 163 -9.29 16.40 31.76
N GLN A 164 -8.88 15.51 32.66
CA GLN A 164 -7.51 15.08 32.71
C GLN A 164 -7.07 14.54 31.33
N ILE A 165 -7.92 13.76 30.65
CA ILE A 165 -7.51 13.21 29.34
C ILE A 165 -7.24 14.30 28.29
N TYR A 166 -7.98 15.40 28.36
CA TYR A 166 -7.73 16.52 27.44
C TYR A 166 -6.43 17.24 27.83
N LYS A 167 -6.09 17.30 29.11
CA LYS A 167 -4.78 17.82 29.52
C LYS A 167 -3.68 16.94 28.92
N PHE A 168 -3.90 15.63 28.92
CA PHE A 168 -2.95 14.67 28.33
C PHE A 168 -2.89 14.82 26.82
N LEU A 169 -4.04 15.07 26.20
CA LEU A 169 -4.10 15.29 24.76
C LEU A 169 -3.25 16.49 24.40
N LEU A 170 -3.48 17.59 25.12
CA LEU A 170 -2.80 18.87 24.83
C LEU A 170 -1.31 18.73 24.99
N ASP A 171 -0.91 18.00 26.02
CA ASP A 171 0.49 17.79 26.29
C ASP A 171 1.12 16.91 25.24
N THR A 172 0.40 15.90 24.79
CA THR A 172 0.92 15.02 23.73
C THR A 172 1.11 15.81 22.43
N LEU A 173 0.18 16.71 22.14
CA LEU A 173 0.21 17.50 20.92
C LEU A 173 1.20 18.66 20.94
N LYS A 174 1.59 19.10 22.14
CA LYS A 174 2.45 20.27 22.26
C LYS A 174 1.73 21.46 21.63
N ALA A 175 0.49 21.70 22.06
CA ALA A 175 -0.33 22.76 21.47
C ALA A 175 -1.17 23.46 22.53
N SER A 176 -1.58 24.69 22.24
CA SER A 176 -2.46 25.42 23.12
C SER A 176 -3.85 25.07 22.67
N PRO A 177 -4.80 25.01 23.62
CA PRO A 177 -6.20 24.63 23.32
C PRO A 177 -6.74 25.24 22.03
N SER A 178 -6.49 26.52 21.81
CA SER A 178 -7.03 27.24 20.66
C SER A 178 -6.32 26.89 19.35
N GLU A 179 -5.26 26.09 19.41
CA GLU A 179 -4.58 25.60 18.20
C GLU A 179 -5.12 24.26 17.69
N VAL A 180 -6.17 23.72 18.32
CA VAL A 180 -6.65 22.40 17.96
C VAL A 180 -8.19 22.28 17.80
N VAL A 181 -8.56 21.51 16.77
CA VAL A 181 -9.94 21.13 16.48
C VAL A 181 -10.17 19.74 17.02
N PHE A 182 -11.37 19.48 17.52
CA PHE A 182 -11.69 18.16 18.03
C PHE A 182 -13.10 17.77 17.62
N LEU A 183 -13.21 16.67 16.88
CA LEU A 183 -14.50 16.20 16.37
C LEU A 183 -14.90 14.94 17.14
N ASP A 184 -16.16 14.89 17.56
CA ASP A 184 -16.67 13.76 18.34
C ASP A 184 -18.16 13.66 18.10
N ASP A 185 -18.71 12.45 18.15
CA ASP A 185 -20.14 12.28 17.92
C ASP A 185 -20.99 12.53 19.18
N ILE A 186 -20.33 12.72 20.33
CA ILE A 186 -21.03 12.91 21.60
C ILE A 186 -20.79 14.29 22.17
N GLY A 187 -21.89 14.97 22.50
CA GLY A 187 -21.84 16.33 23.01
C GLY A 187 -20.99 16.46 24.25
N ALA A 188 -21.25 15.61 25.23
CA ALA A 188 -20.54 15.69 26.52
C ALA A 188 -19.01 15.67 26.38
N ASN A 189 -18.50 14.92 25.39
CA ASN A 189 -17.06 14.86 25.14
C ASN A 189 -16.48 16.17 24.61
N LEU A 190 -17.33 17.02 24.03
CA LEU A 190 -16.88 18.31 23.51
C LEU A 190 -16.86 19.44 24.54
N LYS A 191 -17.76 19.40 25.52
CA LYS A 191 -17.84 20.51 26.48
C LYS A 191 -16.48 20.84 27.10
N PRO A 192 -15.77 19.82 27.63
CA PRO A 192 -14.44 20.04 28.20
C PRO A 192 -13.42 20.61 27.22
N ALA A 193 -13.48 20.19 25.97
CA ALA A 193 -12.59 20.75 24.95
C ALA A 193 -12.86 22.24 24.86
N ARG A 194 -14.14 22.60 24.80
CA ARG A 194 -14.54 24.02 24.80
C ARG A 194 -13.98 24.82 25.99
N ASP A 195 -14.16 24.33 27.22
CA ASP A 195 -13.71 25.03 28.43
C ASP A 195 -12.20 25.40 28.45
N LEU A 196 -11.36 24.58 27.80
CA LEU A 196 -9.93 24.92 27.65
C LEU A 196 -9.73 25.88 26.49
N GLY A 197 -10.73 25.93 25.60
CA GLY A 197 -10.74 26.84 24.47
C GLY A 197 -10.60 26.19 23.09
N MET A 198 -10.75 24.86 23.02
CA MET A 198 -10.56 24.15 21.75
C MET A 198 -11.73 24.40 20.80
N VAL A 199 -11.44 24.44 19.49
CA VAL A 199 -12.53 24.39 18.51
C VAL A 199 -13.09 22.96 18.58
N THR A 200 -14.39 22.84 18.40
CA THR A 200 -15.05 21.56 18.48
C THR A 200 -16.09 21.46 17.37
N ILE A 201 -16.48 20.23 17.03
CA ILE A 201 -17.42 19.93 15.97
C ILE A 201 -18.24 18.71 16.40
N LEU A 202 -19.54 18.91 16.63
CA LEU A 202 -20.42 17.76 16.86
C LEU A 202 -20.54 17.08 15.51
N VAL A 203 -20.16 15.80 15.47
CA VAL A 203 -20.17 15.02 14.23
C VAL A 203 -21.47 14.25 14.21
N GLN A 204 -22.42 14.71 13.40
CA GLN A 204 -23.59 13.90 13.07
C GLN A 204 -23.34 13.33 11.68
N ASP A 205 -23.93 13.85 10.62
CA ASP A 205 -23.54 13.37 9.29
C ASP A 205 -22.09 13.81 9.00
N THR A 206 -21.37 12.94 8.32
CA THR A 206 -19.99 13.20 7.98
C THR A 206 -19.82 14.49 7.18
N ASP A 207 -20.67 14.69 6.16
CA ASP A 207 -20.48 15.80 5.21
C ASP A 207 -20.53 17.18 5.86
N THR A 208 -21.51 17.39 6.74
CA THR A 208 -21.65 18.64 7.48
C THR A 208 -20.47 18.86 8.43
N ALA A 209 -20.04 17.82 9.13
CA ALA A 209 -18.86 17.92 9.99
C ALA A 209 -17.67 18.46 9.20
N LEU A 210 -17.47 17.92 8.00
CA LEU A 210 -16.37 18.33 7.15
C LEU A 210 -16.53 19.77 6.70
N LYS A 211 -17.78 20.20 6.54
CA LYS A 211 -18.06 21.56 6.09
C LYS A 211 -17.61 22.52 7.18
N GLU A 212 -17.93 22.18 8.43
CA GLU A 212 -17.47 22.96 9.58
C GLU A 212 -15.95 22.96 9.66
N LEU A 213 -15.35 21.79 9.46
CA LEU A 213 -13.89 21.65 9.51
C LEU A 213 -13.22 22.36 8.35
N GLU A 214 -13.93 22.47 7.24
CA GLU A 214 -13.45 23.25 6.12
C GLU A 214 -13.41 24.73 6.51
N LYS A 215 -14.50 25.21 7.07
CA LYS A 215 -14.63 26.63 7.44
C LYS A 215 -13.62 27.03 8.49
N VAL A 216 -13.57 26.24 9.56
CA VAL A 216 -12.68 26.52 10.66
C VAL A 216 -11.18 26.38 10.33
N THR A 217 -10.84 25.49 9.40
CA THR A 217 -9.44 25.26 9.01
C THR A 217 -9.00 26.06 7.79
N GLY A 218 -9.95 26.42 6.93
CA GLY A 218 -9.63 27.13 5.70
C GLY A 218 -8.88 26.31 4.65
N ILE A 219 -9.14 24.99 4.62
CA ILE A 219 -8.57 24.10 3.59
C ILE A 219 -9.64 23.24 2.97
N GLN A 220 -9.61 23.07 1.66
CA GLN A 220 -10.67 22.34 0.97
C GLN A 220 -10.54 20.85 1.33
N LEU A 221 -11.61 20.28 1.88
CA LEU A 221 -11.66 18.91 2.38
C LEU A 221 -12.74 18.08 1.69
N LEU A 222 -13.90 18.69 1.45
CA LEU A 222 -15.04 18.02 0.83
C LEU A 222 -14.92 18.19 -0.66
N ASN A 223 -15.38 17.19 -1.41
CA ASN A 223 -15.39 17.30 -2.88
C ASN A 223 -14.02 17.45 -3.54
N THR A 224 -12.93 17.33 -2.77
CA THR A 224 -11.57 17.44 -3.34
C THR A 224 -11.24 16.20 -4.17
N PRO A 225 -10.30 16.30 -5.12
CA PRO A 225 -10.14 15.20 -6.09
C PRO A 225 -9.72 13.85 -5.50
N ALA A 226 -9.84 12.79 -6.31
CA ALA A 226 -9.45 11.43 -5.90
C ALA A 226 -7.95 11.41 -5.55
N PRO A 227 -7.62 11.07 -4.30
CA PRO A 227 -6.22 11.19 -3.86
C PRO A 227 -5.39 9.96 -4.17
N LEU A 228 -4.08 10.12 -4.33
CA LEU A 228 -3.19 8.98 -4.58
C LEU A 228 -3.29 7.97 -3.42
N PRO A 229 -3.00 6.69 -3.69
CA PRO A 229 -2.92 5.70 -2.61
C PRO A 229 -1.75 6.00 -1.68
N THR A 230 -1.79 5.42 -0.49
CA THR A 230 -0.68 5.51 0.46
C THR A 230 0.64 5.08 -0.17
N SER A 231 1.67 5.90 0.02
CA SER A 231 3.04 5.65 -0.45
C SER A 231 3.83 5.12 0.75
N CYS A 232 5.14 4.93 0.57
CA CYS A 232 5.98 4.37 1.62
C CYS A 232 7.03 5.38 2.01
N ASN A 233 7.27 5.57 3.30
CA ASN A 233 8.48 6.23 3.72
C ASN A 233 9.58 5.16 3.87
N PRO A 234 10.67 5.25 3.11
CA PRO A 234 11.74 4.23 3.16
C PRO A 234 12.23 3.89 4.56
N SER A 235 12.42 4.90 5.40
CA SER A 235 12.97 4.71 6.73
C SER A 235 11.96 4.17 7.74
N ASP A 236 10.69 4.04 7.37
CA ASP A 236 9.75 3.35 8.23
C ASP A 236 9.51 1.91 7.78
N MET A 237 10.11 1.47 6.68
CA MET A 237 9.89 0.09 6.21
C MET A 237 10.81 -0.94 6.90
N SER A 238 10.35 -2.19 6.94
CA SER A 238 11.20 -3.32 7.33
C SER A 238 12.07 -3.68 6.14
N HIS A 239 13.39 -3.61 6.32
CA HIS A 239 14.37 -3.90 5.28
C HIS A 239 14.94 -5.25 5.53
N GLY A 240 15.03 -6.08 4.48
CA GLY A 240 15.48 -7.46 4.60
C GLY A 240 16.63 -7.79 3.66
N TYR A 241 17.49 -8.71 4.07
CA TYR A 241 18.73 -9.01 3.36
C TYR A 241 19.07 -10.50 3.40
N VAL A 242 19.23 -11.07 2.21
CA VAL A 242 19.50 -12.48 2.02
C VAL A 242 20.70 -12.67 1.09
N THR A 243 21.73 -13.35 1.58
CA THR A 243 22.84 -13.78 0.74
C THR A 243 22.43 -15.01 -0.08
N VAL A 244 22.56 -14.91 -1.39
CA VAL A 244 22.13 -15.98 -2.26
C VAL A 244 23.31 -16.75 -2.83
N LYS A 245 24.49 -16.19 -2.65
CA LYS A 245 25.74 -16.63 -3.26
C LYS A 245 26.83 -15.95 -2.47
N PRO A 246 28.07 -16.41 -2.58
CA PRO A 246 29.15 -15.81 -1.80
C PRO A 246 29.22 -14.29 -1.91
N ARG A 247 29.18 -13.76 -3.12
CA ARG A 247 29.33 -12.31 -3.35
C ARG A 247 28.03 -11.57 -3.69
N VAL A 248 26.87 -12.19 -3.47
CA VAL A 248 25.61 -11.57 -3.88
C VAL A 248 24.55 -11.58 -2.79
N ARG A 249 24.24 -10.39 -2.28
CA ARG A 249 23.22 -10.21 -1.25
C ARG A 249 22.06 -9.45 -1.89
N LEU A 250 20.84 -9.95 -1.70
CA LEU A 250 19.64 -9.29 -2.19
C LEU A 250 18.87 -8.63 -1.06
N HIS A 251 18.42 -7.42 -1.32
CA HIS A 251 17.70 -6.61 -0.35
C HIS A 251 16.28 -6.45 -0.81
N PHE A 252 15.37 -6.35 0.16
CA PHE A 252 13.97 -6.15 -0.14
C PHE A 252 13.27 -5.48 1.02
N VAL A 253 12.09 -4.96 0.75
CA VAL A 253 11.30 -4.27 1.74
C VAL A 253 10.08 -5.14 1.92
N GLU A 254 9.63 -5.30 3.16
CA GLU A 254 8.64 -6.32 3.50
C GLU A 254 7.49 -5.74 4.32
N LEU A 255 6.26 -6.05 3.93
CA LEU A 255 5.08 -5.49 4.62
C LEU A 255 3.89 -6.40 4.41
N GLY A 256 3.17 -6.70 5.50
CA GLY A 256 1.91 -7.44 5.45
C GLY A 256 2.04 -8.92 5.73
N SER A 257 0.92 -9.57 5.96
CA SER A 257 0.92 -11.03 6.19
C SER A 257 -0.01 -11.71 5.23
N GLY A 258 0.18 -13.02 5.09
CA GLY A 258 -0.59 -13.83 4.14
C GLY A 258 0.30 -14.30 2.99
N PRO A 259 -0.32 -14.67 1.86
CA PRO A 259 0.48 -15.26 0.78
C PRO A 259 1.57 -14.32 0.32
N ALA A 260 2.74 -14.87 0.06
CA ALA A 260 3.91 -14.09 -0.33
C ALA A 260 3.75 -13.54 -1.75
N VAL A 261 3.84 -12.24 -1.92
CA VAL A 261 3.83 -11.62 -3.22
C VAL A 261 5.17 -10.92 -3.41
N CYS A 262 5.93 -11.38 -4.41
CA CYS A 262 7.24 -10.84 -4.69
C CYS A 262 7.20 -9.87 -5.89
N LEU A 263 7.49 -8.60 -5.63
CA LEU A 263 7.43 -7.57 -6.68
C LEU A 263 8.81 -7.33 -7.29
N CYS A 264 8.87 -7.28 -8.62
CA CYS A 264 10.14 -7.23 -9.35
C CYS A 264 10.19 -6.07 -10.34
N HIS A 265 10.92 -5.04 -9.96
CA HIS A 265 10.99 -3.81 -10.76
C HIS A 265 11.77 -3.95 -12.02
N GLY A 266 11.65 -2.92 -12.85
CA GLY A 266 12.32 -2.87 -14.15
C GLY A 266 13.50 -1.92 -14.18
N PHE A 267 13.92 -1.57 -15.38
CA PHE A 267 15.09 -0.74 -15.58
C PHE A 267 14.69 0.69 -15.80
N PRO A 268 15.41 1.65 -15.21
CA PRO A 268 16.39 1.63 -14.14
C PRO A 268 15.68 2.04 -12.87
N GLU A 269 15.15 1.09 -12.15
CA GLU A 269 14.25 1.43 -11.06
C GLU A 269 14.75 0.87 -9.73
N SER A 270 13.85 0.31 -8.91
CA SER A 270 14.04 0.21 -7.47
C SER A 270 12.83 -0.38 -6.80
N TRP A 271 13.03 -0.93 -5.61
CA TRP A 271 11.91 -1.38 -4.81
C TRP A 271 10.91 -0.27 -4.66
N TYR A 272 11.41 0.96 -4.58
CA TYR A 272 10.62 2.16 -4.39
C TYR A 272 9.63 2.47 -5.52
N SER A 273 9.87 1.90 -6.70
CA SER A 273 8.89 2.01 -7.78
C SER A 273 7.55 1.33 -7.47
N TRP A 274 7.51 0.50 -6.43
CA TRP A 274 6.26 -0.13 -5.99
C TRP A 274 5.64 0.57 -4.80
N ARG A 275 6.18 1.74 -4.47
CA ARG A 275 5.72 2.47 -3.28
C ARG A 275 4.18 2.59 -3.15
N TYR A 276 3.48 2.73 -4.27
CA TYR A 276 2.02 2.89 -4.26
C TYR A 276 1.29 1.54 -4.06
N GLN A 277 1.94 0.43 -4.43
CA GLN A 277 1.27 -0.87 -4.22
C GLN A 277 1.63 -1.62 -2.93
N ILE A 278 2.78 -1.35 -2.33
CA ILE A 278 3.17 -2.09 -1.12
C ILE A 278 2.08 -1.97 -0.04
N PRO A 279 1.68 -0.75 0.31
CA PRO A 279 0.59 -0.67 1.30
C PRO A 279 -0.74 -1.27 0.87
N ALA A 280 -1.15 -1.02 -0.37
CA ALA A 280 -2.46 -1.51 -0.83
C ALA A 280 -2.57 -3.04 -0.75
N LEU A 281 -1.52 -3.75 -1.17
CA LEU A 281 -1.57 -5.22 -1.24
C LEU A 281 -1.42 -5.83 0.17
N ALA A 282 -0.60 -5.18 1.00
CA ALA A 282 -0.56 -5.56 2.40
C ALA A 282 -1.96 -5.44 2.95
N GLN A 283 -2.61 -4.29 2.74
CA GLN A 283 -3.96 -4.10 3.27
C GLN A 283 -4.94 -5.13 2.72
N ALA A 284 -4.73 -5.56 1.48
CA ALA A 284 -5.61 -6.55 0.84
C ALA A 284 -5.39 -7.99 1.36
N GLY A 285 -4.44 -8.18 2.28
CA GLY A 285 -4.18 -9.48 2.89
C GLY A 285 -2.96 -10.23 2.37
N TYR A 286 -1.92 -9.51 1.95
CA TYR A 286 -0.75 -10.14 1.41
C TYR A 286 0.53 -9.73 2.07
N ARG A 287 1.54 -10.59 1.93
CA ARG A 287 2.88 -10.35 2.42
C ARG A 287 3.70 -9.92 1.23
N VAL A 288 3.97 -8.63 1.14
CA VAL A 288 4.65 -8.07 -0.01
C VAL A 288 6.15 -8.12 0.23
N LEU A 289 6.88 -8.64 -0.76
CA LEU A 289 8.34 -8.61 -0.76
C LEU A 289 8.78 -7.82 -1.98
N ALA A 290 9.10 -6.55 -1.77
CA ALA A 290 9.46 -5.64 -2.86
C ALA A 290 10.96 -5.66 -3.01
N MET A 291 11.45 -6.16 -4.13
CA MET A 291 12.87 -6.38 -4.32
C MET A 291 13.62 -5.14 -4.76
N ASP A 292 14.86 -5.02 -4.30
CA ASP A 292 15.94 -4.44 -5.09
C ASP A 292 16.53 -5.61 -5.92
N MET A 293 16.20 -5.65 -7.21
CA MET A 293 16.76 -6.67 -8.10
C MET A 293 18.28 -6.52 -8.14
N LYS A 294 18.96 -7.60 -8.52
CA LYS A 294 20.41 -7.63 -8.62
C LYS A 294 20.90 -6.51 -9.52
N GLY A 295 21.92 -5.80 -9.04
CA GLY A 295 22.42 -4.62 -9.74
C GLY A 295 21.91 -3.29 -9.19
N TYR A 296 20.94 -3.31 -8.28
CA TYR A 296 20.32 -2.08 -7.84
C TYR A 296 20.29 -1.85 -6.33
N GLY A 297 20.32 -0.58 -5.96
CA GLY A 297 20.07 -0.17 -4.59
C GLY A 297 21.03 -0.85 -3.62
N GLU A 298 20.44 -1.52 -2.65
CA GLU A 298 21.20 -2.19 -1.61
C GLU A 298 21.45 -3.66 -1.91
N SER A 299 21.02 -4.14 -3.07
CA SER A 299 21.39 -5.48 -3.53
C SER A 299 22.75 -5.37 -4.15
N SER A 300 23.51 -6.46 -4.15
CA SER A 300 24.83 -6.47 -4.73
C SER A 300 24.75 -6.22 -6.22
N ALA A 301 25.83 -5.63 -6.74
CA ALA A 301 25.98 -5.28 -8.16
C ALA A 301 27.35 -5.71 -8.63
N PRO A 302 27.52 -7.03 -8.89
CA PRO A 302 28.80 -7.47 -9.41
C PRO A 302 28.95 -7.03 -10.86
N PRO A 303 30.18 -6.70 -11.26
CA PRO A 303 30.50 -6.07 -12.54
C PRO A 303 30.40 -6.96 -13.75
N GLU A 304 30.60 -8.25 -13.59
CA GLU A 304 30.57 -9.17 -14.72
C GLU A 304 29.19 -9.19 -15.37
N ILE A 305 29.16 -9.18 -16.71
CA ILE A 305 27.93 -9.18 -17.51
C ILE A 305 27.03 -10.39 -17.31
N GLU A 306 27.66 -11.56 -17.19
CA GLU A 306 26.97 -12.84 -17.22
C GLU A 306 26.31 -13.12 -15.89
N GLU A 307 26.69 -12.33 -14.88
CA GLU A 307 26.00 -12.37 -13.59
C GLU A 307 24.55 -11.89 -13.74
N TYR A 308 24.20 -11.33 -14.91
CA TYR A 308 22.86 -10.77 -15.18
C TYR A 308 22.08 -11.47 -16.31
N CYS A 309 22.54 -12.63 -16.79
CA CYS A 309 21.70 -13.42 -17.71
C CYS A 309 20.48 -13.93 -16.95
N MET A 310 19.36 -14.12 -17.65
CA MET A 310 18.11 -14.48 -17.01
C MET A 310 18.24 -15.76 -16.16
N GLU A 311 19.07 -16.68 -16.62
CA GLU A 311 19.23 -17.97 -15.94
C GLU A 311 19.85 -17.82 -14.51
N VAL A 312 20.87 -16.99 -14.36
CA VAL A 312 21.46 -16.81 -13.04
C VAL A 312 20.59 -15.89 -12.21
N LEU A 313 19.89 -14.96 -12.87
CA LEU A 313 18.93 -14.13 -12.17
C LEU A 313 17.82 -15.00 -11.60
N CYS A 314 17.27 -15.93 -12.38
CA CYS A 314 16.18 -16.77 -11.89
C CYS A 314 16.61 -17.71 -10.76
N LYS A 315 17.79 -18.32 -10.91
CA LYS A 315 18.29 -19.26 -9.90
C LYS A 315 18.45 -18.55 -8.57
N GLU A 316 18.99 -17.35 -8.64
CA GLU A 316 19.18 -16.56 -7.45
C GLU A 316 17.84 -16.26 -6.76
N MET A 317 16.79 -15.99 -7.53
CA MET A 317 15.46 -15.77 -6.96
C MET A 317 14.89 -17.03 -6.29
N VAL A 318 15.21 -18.19 -6.84
CA VAL A 318 14.88 -19.45 -6.16
C VAL A 318 15.63 -19.57 -4.83
N THR A 319 16.93 -19.28 -4.82
CA THR A 319 17.70 -19.34 -3.59
C THR A 319 17.13 -18.37 -2.55
N PHE A 320 16.67 -17.22 -3.04
CA PHE A 320 16.04 -16.21 -2.20
C PHE A 320 14.81 -16.80 -1.48
N LEU A 321 13.96 -17.48 -2.23
CA LEU A 321 12.86 -18.22 -1.64
C LEU A 321 13.36 -19.30 -0.68
N ASP A 322 14.36 -20.05 -1.11
CA ASP A 322 14.93 -21.14 -0.28
C ASP A 322 15.31 -20.59 1.10
N LYS A 323 16.11 -19.54 1.13
CA LYS A 323 16.68 -19.07 2.37
C LYS A 323 15.62 -18.43 3.26
N LEU A 324 14.57 -17.89 2.65
CA LEU A 324 13.46 -17.31 3.36
C LEU A 324 12.48 -18.34 3.84
N GLY A 325 12.61 -19.59 3.40
CA GLY A 325 11.71 -20.66 3.80
C GLY A 325 10.35 -20.59 3.12
N LEU A 326 10.33 -20.10 1.88
CA LEU A 326 9.11 -19.95 1.13
C LEU A 326 9.06 -21.02 0.06
N SER A 327 8.07 -21.91 0.11
CA SER A 327 7.89 -22.88 -0.98
C SER A 327 7.48 -22.22 -2.26
N GLN A 328 6.61 -21.21 -2.17
CA GLN A 328 6.21 -20.44 -3.35
C GLN A 328 6.04 -18.95 -3.03
N ALA A 329 5.98 -18.14 -4.09
CA ALA A 329 5.53 -16.76 -3.99
C ALA A 329 4.81 -16.43 -5.26
N VAL A 330 3.92 -15.44 -5.17
CA VAL A 330 3.32 -14.86 -6.35
C VAL A 330 4.34 -13.88 -6.90
N PHE A 331 4.59 -13.97 -8.22
CA PHE A 331 5.60 -13.13 -8.85
C PHE A 331 4.95 -12.12 -9.78
N ILE A 332 5.10 -10.86 -9.43
CA ILE A 332 4.60 -9.74 -10.21
C ILE A 332 5.78 -8.88 -10.59
N GLY A 333 5.95 -8.63 -11.89
CA GLY A 333 7.08 -7.87 -12.38
C GLY A 333 6.69 -6.85 -13.43
N HIS A 334 7.55 -5.85 -13.62
CA HIS A 334 7.39 -4.77 -14.62
C HIS A 334 8.65 -4.61 -15.41
N ASP A 335 8.50 -4.38 -16.72
CA ASP A 335 9.62 -4.14 -17.61
C ASP A 335 10.54 -5.37 -17.53
N TRP A 336 11.80 -5.19 -17.14
CA TRP A 336 12.72 -6.32 -17.08
C TRP A 336 12.28 -7.33 -16.07
N GLY A 337 11.73 -6.85 -14.96
CA GLY A 337 11.20 -7.73 -13.91
C GLY A 337 10.09 -8.60 -14.47
N GLY A 338 9.33 -8.04 -15.40
CA GLY A 338 8.23 -8.76 -16.03
C GLY A 338 8.75 -9.94 -16.83
N MET A 339 9.80 -9.71 -17.64
CA MET A 339 10.44 -10.78 -18.42
C MET A 339 10.90 -11.92 -17.51
N LEU A 340 11.60 -11.56 -16.45
CA LEU A 340 12.14 -12.55 -15.52
C LEU A 340 11.02 -13.39 -14.89
N VAL A 341 9.96 -12.72 -14.55
CA VAL A 341 8.83 -13.35 -13.92
C VAL A 341 8.18 -14.38 -14.89
N TRP A 342 8.09 -14.09 -16.18
CA TRP A 342 7.65 -15.15 -17.07
C TRP A 342 8.61 -16.30 -17.06
N TYR A 343 9.90 -16.03 -17.01
CA TYR A 343 10.87 -17.13 -17.07
C TYR A 343 10.89 -17.95 -15.79
N MET A 344 10.53 -17.34 -14.67
CA MET A 344 10.32 -18.08 -13.44
C MET A 344 9.13 -19.03 -13.57
N ALA A 345 8.09 -18.59 -14.28
CA ALA A 345 6.94 -19.45 -14.52
C ALA A 345 7.31 -20.65 -15.41
N LEU A 346 8.17 -20.39 -16.40
CA LEU A 346 8.53 -21.43 -17.39
C LEU A 346 9.57 -22.41 -16.87
N PHE A 347 10.45 -21.95 -15.98
CA PHE A 347 11.55 -22.78 -15.50
C PHE A 347 11.43 -23.26 -14.07
N TYR A 348 10.60 -22.60 -13.25
CA TYR A 348 10.35 -23.00 -11.84
C TYR A 348 8.88 -22.90 -11.41
N PRO A 349 7.96 -23.50 -12.18
CA PRO A 349 6.54 -23.32 -11.91
C PRO A 349 6.09 -23.77 -10.53
N GLU A 350 6.80 -24.74 -9.96
CA GLU A 350 6.50 -25.24 -8.61
C GLU A 350 6.69 -24.19 -7.52
N ARG A 351 7.47 -23.17 -7.82
CA ARG A 351 7.81 -22.13 -6.87
C ARG A 351 6.99 -20.89 -7.09
N VAL A 352 6.22 -20.88 -8.17
CA VAL A 352 5.44 -19.72 -8.53
C VAL A 352 3.95 -20.03 -8.33
N ARG A 353 3.39 -19.45 -7.27
CA ARG A 353 1.98 -19.55 -6.97
C ARG A 353 1.13 -18.96 -8.08
N ALA A 354 1.64 -17.91 -8.71
CA ALA A 354 0.94 -17.20 -9.77
C ALA A 354 1.89 -16.16 -10.34
N VAL A 355 1.63 -15.73 -11.55
CA VAL A 355 2.57 -14.85 -12.20
C VAL A 355 1.80 -13.71 -12.84
N ALA A 356 2.32 -12.50 -12.70
CA ALA A 356 1.74 -11.34 -13.35
C ALA A 356 2.83 -10.39 -13.84
N SER A 357 2.67 -9.83 -15.04
CA SER A 357 3.59 -8.82 -15.56
C SER A 357 2.82 -7.57 -15.98
N LEU A 358 3.41 -6.41 -15.70
CA LEU A 358 2.93 -5.12 -16.17
C LEU A 358 3.75 -4.77 -17.38
N ASN A 359 3.07 -4.47 -18.49
CA ASN A 359 3.69 -4.02 -19.75
C ASN A 359 4.43 -5.08 -20.55
N THR A 360 5.28 -5.86 -19.89
CA THR A 360 6.17 -6.77 -20.60
C THR A 360 5.39 -7.99 -21.04
N PRO A 361 5.34 -8.25 -22.35
CA PRO A 361 4.64 -9.42 -22.86
C PRO A 361 5.55 -10.62 -22.85
N PHE A 362 4.99 -11.81 -22.98
CA PHE A 362 5.80 -12.98 -23.14
C PHE A 362 5.85 -13.33 -24.62
N ILE A 363 7.01 -13.12 -25.22
CA ILE A 363 7.24 -13.55 -26.60
C ILE A 363 8.29 -14.64 -26.54
N PRO A 364 8.05 -15.75 -27.23
CA PRO A 364 9.05 -16.81 -27.18
C PRO A 364 10.24 -16.48 -28.07
N ALA A 365 11.40 -17.06 -27.76
CA ALA A 365 12.56 -16.88 -28.60
C ALA A 365 12.26 -17.45 -29.98
N ASN A 366 12.72 -16.75 -31.02
CA ASN A 366 12.70 -17.29 -32.37
C ASN A 366 13.96 -18.16 -32.54
N PRO A 367 13.79 -19.48 -32.63
CA PRO A 367 14.94 -20.36 -32.62
C PRO A 367 15.82 -20.31 -33.88
N ASN A 368 15.34 -19.63 -34.93
CA ASN A 368 16.15 -19.44 -36.14
C ASN A 368 16.91 -18.13 -36.05
N MET A 369 16.17 -17.02 -36.01
CA MET A 369 16.76 -15.69 -36.02
C MET A 369 17.46 -15.34 -34.70
N SER A 370 18.54 -14.57 -34.81
CA SER A 370 19.26 -14.06 -33.66
C SER A 370 18.49 -12.86 -33.11
N PRO A 371 18.46 -12.69 -31.78
CA PRO A 371 17.77 -11.53 -31.21
C PRO A 371 18.45 -10.20 -31.53
N LEU A 372 19.77 -10.19 -31.63
CA LEU A 372 20.49 -8.97 -32.00
C LEU A 372 20.07 -8.45 -33.39
N GLU A 373 19.38 -9.28 -34.17
CA GLU A 373 18.75 -8.84 -35.42
C GLU A 373 17.29 -8.43 -35.19
N SER A 374 16.56 -9.23 -34.43
CA SER A 374 15.17 -8.94 -34.09
C SER A 374 15.07 -7.53 -33.50
N ILE A 375 16.06 -7.16 -32.69
CA ILE A 375 16.13 -5.83 -32.07
C ILE A 375 16.48 -4.71 -33.07
N LYS A 376 17.15 -5.06 -34.18
CA LYS A 376 17.33 -4.11 -35.30
C LYS A 376 16.08 -4.00 -36.19
N ALA A 377 15.24 -5.03 -36.17
CA ALA A 377 13.97 -5.06 -36.92
C ALA A 377 12.98 -3.97 -36.47
N ASN A 378 13.02 -3.59 -35.18
CA ASN A 378 12.12 -2.55 -34.64
C ASN A 378 12.88 -1.28 -34.25
N PRO A 379 12.70 -0.18 -35.02
CA PRO A 379 13.34 1.12 -34.74
C PRO A 379 13.27 1.61 -33.28
N VAL A 380 12.17 1.30 -32.59
CA VAL A 380 11.96 1.73 -31.20
C VAL A 380 12.84 0.99 -30.19
N PHE A 381 13.40 -0.15 -30.60
CA PHE A 381 14.40 -0.86 -29.78
C PHE A 381 15.84 -0.44 -30.10
N ASP A 382 16.05 0.64 -30.86
CA ASP A 382 17.42 1.11 -31.19
C ASP A 382 18.26 1.40 -29.92
N TYR A 383 17.61 1.91 -28.89
CA TYR A 383 18.29 2.24 -27.62
C TYR A 383 18.98 1.01 -27.00
N GLN A 384 18.47 -0.20 -27.26
CA GLN A 384 19.09 -1.40 -26.73
C GLN A 384 20.42 -1.72 -27.40
N LEU A 385 20.58 -1.33 -28.67
CA LEU A 385 21.88 -1.43 -29.32
C LEU A 385 22.88 -0.46 -28.67
N TYR A 386 22.40 0.71 -28.25
CA TYR A 386 23.27 1.70 -27.60
C TYR A 386 23.72 1.19 -26.23
N PHE A 387 22.99 0.25 -25.66
CA PHE A 387 23.33 -0.25 -24.32
C PHE A 387 24.36 -1.38 -24.33
N GLN A 388 24.68 -1.89 -25.51
CA GLN A 388 25.52 -3.08 -25.64
C GLN A 388 26.99 -2.89 -25.23
N GLU A 389 27.60 -1.84 -25.75
CA GLU A 389 29.02 -1.54 -25.52
C GLU A 389 29.30 -1.14 -24.07
N PRO A 390 29.93 -2.01 -23.28
CA PRO A 390 30.10 -1.61 -21.87
C PRO A 390 30.80 -0.28 -21.77
N GLY A 391 30.24 0.62 -20.97
CA GLY A 391 30.88 1.90 -20.63
C GLY A 391 30.20 3.12 -21.18
N VAL A 392 29.75 3.04 -22.43
CA VAL A 392 29.17 4.18 -23.12
C VAL A 392 27.87 4.66 -22.41
N ALA A 393 26.87 3.80 -22.29
CA ALA A 393 25.62 4.20 -21.61
C ALA A 393 25.86 4.56 -20.15
N GLU A 394 26.83 3.91 -19.50
CA GLU A 394 27.11 4.22 -18.10
C GLU A 394 27.52 5.68 -17.91
N ALA A 395 28.38 6.18 -18.78
CA ALA A 395 28.96 7.51 -18.62
C ALA A 395 27.88 8.55 -18.78
N GLU A 396 26.96 8.32 -19.71
CA GLU A 396 25.91 9.27 -19.98
C GLU A 396 24.92 9.29 -18.81
N LEU A 397 24.44 8.12 -18.43
CA LEU A 397 23.42 8.01 -17.40
C LEU A 397 23.92 8.41 -16.02
N GLU A 398 25.21 8.21 -15.74
CA GLU A 398 25.78 8.50 -14.41
C GLU A 398 26.32 9.92 -14.23
N GLN A 399 26.37 10.73 -15.26
CA GLN A 399 27.04 12.03 -15.13
C GLN A 399 26.15 13.08 -14.47
N ASN A 400 24.83 12.91 -14.56
CA ASN A 400 23.87 13.77 -13.86
C ASN A 400 22.66 12.96 -13.43
N LEU A 401 22.77 12.31 -12.27
CA LEU A 401 21.78 11.31 -11.87
C LEU A 401 20.37 11.91 -11.82
N SER A 402 20.27 13.11 -11.27
CA SER A 402 18.99 13.84 -11.26
C SER A 402 18.42 14.05 -12.67
N ARG A 403 19.27 14.49 -13.60
CA ARG A 403 18.82 14.71 -14.97
C ARG A 403 18.34 13.40 -15.59
N THR A 404 19.12 12.34 -15.38
CA THR A 404 18.75 11.04 -15.92
C THR A 404 17.33 10.65 -15.50
N PHE A 405 17.02 10.72 -14.20
CA PHE A 405 15.71 10.26 -13.71
C PHE A 405 14.56 11.21 -13.99
N LYS A 406 14.81 12.51 -13.89
CA LYS A 406 13.80 13.47 -14.31
C LYS A 406 13.44 13.26 -15.78
N SER A 407 14.44 13.07 -16.65
CA SER A 407 14.22 12.82 -18.08
C SER A 407 13.49 11.51 -18.38
N LEU A 408 13.74 10.47 -17.58
CA LEU A 408 13.17 9.16 -17.87
C LEU A 408 11.75 9.08 -17.36
N PHE A 409 11.58 9.34 -16.07
CA PHE A 409 10.30 9.16 -15.39
C PHE A 409 9.31 10.25 -15.77
N ARG A 410 8.64 10.05 -16.91
CA ARG A 410 7.64 11.02 -17.38
C ARG A 410 6.42 10.29 -17.92
N ALA A 411 5.25 10.94 -17.84
CA ALA A 411 4.00 10.41 -18.40
C ALA A 411 4.03 10.47 -19.94
N SER A 412 3.11 9.75 -20.58
CA SER A 412 3.12 9.57 -22.05
C SER A 412 3.06 10.90 -22.81
N ASP A 413 2.36 11.89 -22.25
CA ASP A 413 2.24 13.22 -22.88
C ASP A 413 3.30 14.24 -22.43
N GLU A 414 4.34 13.78 -21.73
CA GLU A 414 5.40 14.66 -21.22
C GLU A 414 6.77 14.27 -21.80
N SER A 415 6.76 13.46 -22.85
CA SER A 415 8.01 12.90 -23.40
C SER A 415 9.05 13.97 -23.74
N VAL A 416 10.28 13.76 -23.32
CA VAL A 416 11.43 14.60 -23.74
C VAL A 416 12.56 13.75 -24.38
N LEU A 417 12.24 12.52 -24.81
CA LEU A 417 13.23 11.56 -25.33
C LEU A 417 12.72 10.83 -26.59
N SER A 418 13.31 11.16 -27.74
CA SER A 418 13.04 10.42 -28.99
C SER A 418 13.74 9.05 -29.02
N MET A 419 12.98 7.98 -28.71
CA MET A 419 13.51 6.59 -28.62
C MET A 419 14.19 6.07 -29.89
N HIS A 420 13.82 6.63 -31.05
CA HIS A 420 14.38 6.25 -32.35
C HIS A 420 15.67 7.02 -32.68
N LYS A 421 16.63 6.32 -33.26
CA LYS A 421 17.89 6.89 -33.76
C LYS A 421 18.80 7.42 -32.64
N VAL A 422 18.93 6.61 -31.59
CA VAL A 422 19.77 6.91 -30.42
C VAL A 422 21.24 6.60 -30.69
N CYS A 423 21.49 5.51 -31.42
CA CYS A 423 22.83 5.20 -31.95
C CYS A 423 23.34 6.31 -32.88
N GLU A 424 22.48 6.78 -33.78
CA GLU A 424 22.79 7.87 -34.71
C GLU A 424 23.20 9.19 -34.00
N ALA A 425 22.29 9.71 -33.18
CA ALA A 425 22.51 10.91 -32.38
C ALA A 425 23.67 10.76 -31.39
N GLY A 426 23.90 9.54 -30.94
CA GLY A 426 25.02 9.21 -30.06
C GLY A 426 24.74 9.57 -28.62
N GLY A 427 23.65 9.05 -28.08
CA GLY A 427 23.24 9.34 -26.70
C GLY A 427 21.73 9.39 -26.53
N LEU A 428 21.27 8.93 -25.39
CA LEU A 428 19.84 8.95 -25.08
C LEU A 428 19.32 10.36 -24.82
N PHE A 429 20.23 11.29 -24.49
CA PHE A 429 19.84 12.66 -24.09
C PHE A 429 20.34 13.75 -25.04
N VAL A 430 20.91 13.36 -26.18
CA VAL A 430 21.65 14.27 -27.08
C VAL A 430 20.94 15.61 -27.24
N ASN A 431 19.66 15.54 -27.62
CA ASN A 431 18.86 16.74 -27.74
C ASN A 431 17.70 16.68 -26.75
N SER A 432 18.06 16.68 -25.47
CA SER A 432 17.11 16.76 -24.35
C SER A 432 17.65 17.76 -23.30
N PRO A 433 16.76 18.30 -22.44
CA PRO A 433 17.15 19.40 -21.54
C PRO A 433 18.10 19.02 -20.41
N GLU A 434 18.97 19.96 -20.04
CA GLU A 434 19.90 19.76 -18.95
C GLU A 434 19.21 19.79 -17.61
N GLU A 435 18.27 20.73 -17.44
CA GLU A 435 17.44 20.78 -16.25
C GLU A 435 15.99 20.52 -16.65
N PRO A 436 15.58 19.25 -16.71
CA PRO A 436 14.18 19.00 -17.08
C PRO A 436 13.21 19.47 -16.02
N SER A 437 11.99 19.79 -16.42
CA SER A 437 10.94 20.08 -15.49
C SER A 437 10.57 18.80 -14.75
N LEU A 438 9.96 18.96 -13.59
CA LEU A 438 9.50 17.84 -12.79
C LEU A 438 8.21 17.32 -13.41
N SER A 439 8.13 16.02 -13.67
CA SER A 439 6.91 15.38 -14.16
C SER A 439 5.76 15.54 -13.17
N ARG A 440 4.54 15.30 -13.62
CA ARG A 440 3.39 15.28 -12.72
C ARG A 440 3.50 14.09 -11.76
N MET A 441 4.17 13.03 -12.24
CA MET A 441 4.24 11.75 -11.54
C MET A 441 5.16 11.62 -10.32
N VAL A 442 6.03 12.60 -10.08
CA VAL A 442 7.08 12.42 -9.08
C VAL A 442 7.45 13.73 -8.42
N THR A 443 7.60 13.73 -7.10
CA THR A 443 8.05 14.91 -6.39
C THR A 443 9.57 14.98 -6.50
N GLU A 444 10.14 16.15 -6.23
CA GLU A 444 11.60 16.29 -6.18
C GLU A 444 12.20 15.31 -5.19
N GLU A 445 11.52 15.08 -4.06
CA GLU A 445 12.02 14.16 -3.02
C GLU A 445 12.13 12.74 -3.57
N GLU A 446 11.06 12.29 -4.24
CA GLU A 446 11.00 10.94 -4.78
C GLU A 446 12.15 10.69 -5.77
N ILE A 447 12.38 11.63 -6.70
CA ILE A 447 13.53 11.55 -7.62
C ILE A 447 14.85 11.42 -6.88
N GLN A 448 15.04 12.25 -5.86
CA GLN A 448 16.29 12.26 -5.11
C GLN A 448 16.54 10.93 -4.40
N PHE A 449 15.46 10.23 -4.04
CA PHE A 449 15.59 8.87 -3.52
C PHE A 449 16.25 7.96 -4.57
N TYR A 450 15.80 8.02 -5.81
CA TYR A 450 16.48 7.24 -6.83
C TYR A 450 17.95 7.68 -7.00
N VAL A 451 18.15 8.98 -7.15
CA VAL A 451 19.50 9.52 -7.19
C VAL A 451 20.37 8.90 -6.07
N GLN A 452 19.87 8.93 -4.83
CA GLN A 452 20.62 8.39 -3.66
C GLN A 452 21.00 6.93 -3.87
N GLN A 453 20.04 6.14 -4.34
CA GLN A 453 20.24 4.70 -4.53
C GLN A 453 21.27 4.44 -5.62
N PHE A 454 21.17 5.14 -6.74
CA PHE A 454 22.09 4.88 -7.83
C PHE A 454 23.52 5.37 -7.57
N LYS A 455 23.72 6.15 -6.51
CA LYS A 455 25.07 6.56 -6.16
C LYS A 455 25.88 5.39 -5.59
N LYS A 456 25.20 4.33 -5.15
CA LYS A 456 25.88 3.14 -4.66
C LYS A 456 26.60 2.41 -5.81
N SER A 457 25.86 1.90 -6.77
CA SER A 457 26.48 1.09 -7.81
C SER A 457 26.37 1.66 -9.22
N GLY A 458 25.62 2.72 -9.41
CA GLY A 458 25.44 3.26 -10.74
C GLY A 458 24.78 2.25 -11.65
N PHE A 459 25.24 2.24 -12.90
CA PHE A 459 24.47 1.69 -14.03
C PHE A 459 25.07 0.45 -14.71
N ARG A 460 26.30 0.10 -14.37
CA ARG A 460 26.92 -1.10 -14.91
C ARG A 460 25.99 -2.30 -14.74
N GLY A 461 25.72 -2.66 -13.48
CA GLY A 461 24.83 -3.78 -13.16
C GLY A 461 23.49 -3.72 -13.89
N PRO A 462 22.75 -2.64 -13.68
CA PRO A 462 21.47 -2.48 -14.38
C PRO A 462 21.56 -2.64 -15.91
N LEU A 463 22.53 -1.98 -16.54
CA LEU A 463 22.69 -2.09 -18.02
C LEU A 463 23.06 -3.49 -18.46
N ASN A 464 23.75 -4.24 -17.61
CA ASN A 464 24.12 -5.62 -17.94
C ASN A 464 22.92 -6.54 -18.19
N TRP A 465 21.73 -6.16 -17.71
CA TRP A 465 20.53 -6.97 -18.02
C TRP A 465 20.27 -7.02 -19.49
N TYR A 466 20.73 -6.00 -20.22
CA TYR A 466 20.58 -5.94 -21.66
C TYR A 466 21.73 -6.59 -22.43
N ARG A 467 22.72 -7.13 -21.73
CA ARG A 467 23.96 -7.55 -22.37
C ARG A 467 24.13 -9.07 -22.39
N ASN A 468 23.02 -9.78 -22.34
CA ASN A 468 23.02 -11.25 -22.42
C ASN A 468 21.94 -11.68 -23.40
N MET A 469 21.82 -10.98 -24.54
CA MET A 469 20.75 -11.30 -25.48
C MET A 469 20.97 -12.71 -26.01
N GLU A 470 22.18 -13.00 -26.44
CA GLU A 470 22.47 -14.31 -27.03
C GLU A 470 22.32 -15.42 -25.98
N ARG A 471 22.77 -15.16 -24.76
CA ARG A 471 22.75 -16.18 -23.72
C ARG A 471 21.31 -16.46 -23.28
N ASN A 472 20.55 -15.40 -23.07
CA ASN A 472 19.14 -15.53 -22.73
C ASN A 472 18.37 -16.27 -23.80
N TRP A 473 18.74 -16.04 -25.06
CA TRP A 473 18.09 -16.66 -26.21
C TRP A 473 18.29 -18.15 -26.21
N LYS A 474 19.54 -18.58 -26.04
CA LYS A 474 19.87 -20.00 -25.95
C LYS A 474 19.10 -20.67 -24.84
N TRP A 475 19.07 -20.04 -23.68
CA TRP A 475 18.36 -20.58 -22.52
C TRP A 475 16.89 -20.72 -22.78
N ALA A 476 16.28 -19.63 -23.21
CA ALA A 476 14.84 -19.58 -23.50
C ALA A 476 14.42 -20.65 -24.50
N CYS A 477 15.28 -20.95 -25.48
CA CYS A 477 14.99 -21.98 -26.48
C CYS A 477 14.67 -23.36 -25.90
N LYS A 478 15.19 -23.64 -24.69
CA LYS A 478 14.87 -24.88 -23.97
C LYS A 478 13.39 -24.95 -23.54
N SER A 479 12.73 -23.80 -23.45
CA SER A 479 11.34 -23.76 -23.03
C SER A 479 10.37 -23.77 -24.18
N LEU A 480 10.85 -23.82 -25.42
CA LEU A 480 9.95 -23.62 -26.58
C LEU A 480 8.84 -24.65 -26.70
N GLY A 481 8.98 -25.79 -26.03
CA GLY A 481 7.92 -26.81 -26.03
C GLY A 481 6.93 -26.71 -24.88
N ARG A 482 7.18 -25.82 -23.93
CA ARG A 482 6.36 -25.74 -22.73
C ARG A 482 5.22 -24.77 -22.92
N LYS A 483 4.30 -24.77 -21.97
CA LYS A 483 3.30 -23.74 -21.87
C LYS A 483 3.24 -23.29 -20.41
N ILE A 484 2.76 -22.08 -20.19
CA ILE A 484 2.45 -21.59 -18.85
C ILE A 484 0.99 -21.93 -18.51
N LEU A 485 0.82 -22.83 -17.57
CA LEU A 485 -0.50 -23.32 -17.21
C LEU A 485 -0.83 -23.04 -15.75
N ILE A 486 0.02 -22.25 -15.11
CA ILE A 486 -0.27 -21.75 -13.77
C ILE A 486 -1.05 -20.44 -13.98
N PRO A 487 -1.61 -19.89 -12.89
CA PRO A 487 -2.40 -18.66 -13.06
C PRO A 487 -1.55 -17.45 -13.44
N ALA A 488 -1.99 -16.71 -14.45
CA ALA A 488 -1.19 -15.67 -15.09
C ALA A 488 -2.04 -14.48 -15.56
N LEU A 489 -1.53 -13.28 -15.31
CA LEU A 489 -2.17 -12.02 -15.67
C LEU A 489 -1.20 -11.15 -16.48
N MET A 490 -1.72 -10.54 -17.55
CA MET A 490 -0.94 -9.60 -18.35
C MET A 490 -1.64 -8.24 -18.29
N VAL A 491 -0.88 -7.19 -17.95
CA VAL A 491 -1.47 -5.86 -17.86
C VAL A 491 -0.76 -4.94 -18.88
N THR A 492 -1.53 -4.52 -19.88
CA THR A 492 -1.01 -3.66 -20.93
C THR A 492 -1.27 -2.20 -20.60
N ALA A 493 -0.33 -1.35 -21.00
CA ALA A 493 -0.44 0.10 -20.81
C ALA A 493 -0.64 0.78 -22.17
N GLU A 494 -1.74 1.51 -22.33
CA GLU A 494 -2.15 2.03 -23.64
C GLU A 494 -1.01 2.79 -24.34
N LYS A 495 -0.38 3.69 -23.61
CA LYS A 495 0.56 4.63 -24.18
C LYS A 495 2.00 4.36 -23.75
N ASP A 496 2.32 3.08 -23.59
CA ASP A 496 3.71 2.65 -23.55
C ASP A 496 4.13 2.43 -24.99
N PHE A 497 4.90 3.37 -25.52
CA PHE A 497 5.19 3.40 -26.95
C PHE A 497 6.34 2.53 -27.36
N VAL A 498 6.95 1.83 -26.39
CA VAL A 498 7.96 0.82 -26.66
C VAL A 498 7.47 -0.61 -26.33
N LEU A 499 7.01 -0.84 -25.11
CA LEU A 499 6.35 -2.11 -24.76
C LEU A 499 4.86 -1.94 -25.04
N VAL A 500 4.53 -1.86 -26.33
CA VAL A 500 3.18 -1.55 -26.81
C VAL A 500 2.22 -2.74 -26.59
N PRO A 501 0.92 -2.47 -26.33
CA PRO A 501 -0.05 -3.55 -26.05
C PRO A 501 -0.17 -4.65 -27.10
N GLN A 502 0.04 -4.28 -28.36
CA GLN A 502 -0.14 -5.21 -29.48
C GLN A 502 0.92 -6.31 -29.48
N MET A 503 2.08 -6.03 -28.90
CA MET A 503 3.11 -7.06 -28.74
C MET A 503 2.58 -8.28 -27.96
N SER A 504 1.62 -8.07 -27.07
CA SER A 504 1.03 -9.14 -26.25
C SER A 504 0.00 -10.04 -26.95
N GLN A 505 -0.34 -9.73 -28.20
CA GLN A 505 -1.60 -10.25 -28.78
C GLN A 505 -1.67 -11.78 -28.99
N HIS A 506 -0.52 -12.44 -29.04
CA HIS A 506 -0.52 -13.89 -29.23
C HIS A 506 -0.23 -14.66 -27.96
N MET A 507 -0.09 -13.96 -26.85
CA MET A 507 0.29 -14.61 -25.62
C MET A 507 -0.59 -15.80 -25.19
N GLU A 508 -1.87 -15.85 -25.57
CA GLU A 508 -2.71 -16.97 -25.10
C GLU A 508 -2.40 -18.29 -25.82
N ASP A 509 -1.66 -18.22 -26.91
CA ASP A 509 -1.15 -19.43 -27.56
C ASP A 509 -0.24 -20.23 -26.61
N TRP A 510 0.57 -19.53 -25.80
CA TRP A 510 1.42 -20.18 -24.79
C TRP A 510 0.88 -20.06 -23.38
N ILE A 511 -0.06 -19.16 -23.14
CA ILE A 511 -0.65 -19.04 -21.81
C ILE A 511 -2.16 -19.10 -22.02
N PRO A 512 -2.72 -20.30 -22.24
CA PRO A 512 -4.13 -20.40 -22.64
C PRO A 512 -5.15 -19.83 -21.65
N HIS A 513 -4.86 -19.88 -20.35
CA HIS A 513 -5.77 -19.33 -19.34
C HIS A 513 -5.42 -17.93 -18.88
N LEU A 514 -4.51 -17.28 -19.59
CA LEU A 514 -4.14 -15.89 -19.33
C LEU A 514 -5.34 -14.99 -19.08
N LYS A 515 -5.28 -14.26 -17.99
CA LYS A 515 -6.23 -13.20 -17.71
C LYS A 515 -5.54 -11.87 -18.04
N ARG A 516 -6.31 -10.88 -18.47
CA ARG A 516 -5.75 -9.61 -18.90
C ARG A 516 -6.22 -8.43 -18.07
N GLY A 517 -5.50 -7.33 -18.20
CA GLY A 517 -5.94 -6.03 -17.72
C GLY A 517 -5.38 -4.97 -18.65
N HIS A 518 -6.07 -3.85 -18.74
CA HIS A 518 -5.63 -2.80 -19.62
C HIS A 518 -5.84 -1.49 -18.93
N ILE A 519 -4.86 -0.59 -19.03
CA ILE A 519 -4.96 0.73 -18.40
C ILE A 519 -4.86 1.85 -19.44
N GLU A 520 -5.93 2.65 -19.51
CA GLU A 520 -6.01 3.84 -20.37
C GLU A 520 -5.04 4.89 -19.89
N ASP A 521 -4.49 5.65 -20.83
CA ASP A 521 -3.72 6.86 -20.54
C ASP A 521 -2.49 6.63 -19.67
N CYS A 522 -1.95 5.43 -19.77
CA CYS A 522 -0.87 5.00 -18.93
C CYS A 522 0.38 4.80 -19.75
N GLY A 523 1.48 5.43 -19.31
CA GLY A 523 2.73 5.36 -20.03
C GLY A 523 3.51 4.12 -19.61
N HIS A 524 4.83 4.22 -19.64
CA HIS A 524 5.68 3.08 -19.38
C HIS A 524 5.87 2.79 -17.90
N TRP A 525 5.75 3.82 -17.07
CA TRP A 525 6.00 3.70 -15.65
C TRP A 525 4.71 3.46 -14.94
N THR A 526 4.09 2.35 -15.32
CA THR A 526 2.73 2.02 -14.93
C THR A 526 2.41 2.30 -13.46
N GLN A 527 3.28 1.90 -12.55
CA GLN A 527 2.96 1.95 -11.12
C GLN A 527 2.79 3.37 -10.62
N MET A 528 3.66 4.28 -11.02
CA MET A 528 3.60 5.67 -10.52
C MET A 528 2.73 6.57 -11.40
N ASP A 529 2.21 6.00 -12.47
CA ASP A 529 1.42 6.72 -13.47
C ASP A 529 -0.04 6.51 -13.19
N LYS A 530 -0.43 5.28 -12.89
CA LYS A 530 -1.81 4.92 -12.59
C LYS A 530 -1.90 3.95 -11.41
N PRO A 531 -1.36 4.37 -10.28
CA PRO A 531 -1.31 3.52 -9.11
C PRO A 531 -2.67 2.98 -8.65
N THR A 532 -3.70 3.80 -8.72
CA THR A 532 -5.02 3.37 -8.26
C THR A 532 -5.54 2.19 -9.06
N GLU A 533 -5.42 2.26 -10.38
CA GLU A 533 -6.01 1.22 -11.22
C GLU A 533 -5.14 -0.04 -11.21
N VAL A 534 -3.81 0.14 -11.08
CA VAL A 534 -2.90 -0.99 -10.91
C VAL A 534 -3.24 -1.78 -9.64
N ASN A 535 -3.36 -1.07 -8.51
CA ASN A 535 -3.73 -1.70 -7.24
C ASN A 535 -5.05 -2.45 -7.39
N GLN A 536 -6.06 -1.76 -7.94
CA GLN A 536 -7.36 -2.37 -8.21
C GLN A 536 -7.28 -3.64 -9.08
N ILE A 537 -6.50 -3.60 -10.15
CA ILE A 537 -6.38 -4.76 -11.06
C ILE A 537 -5.68 -5.95 -10.40
N LEU A 538 -4.54 -5.67 -9.74
CA LEU A 538 -3.77 -6.72 -9.08
C LEU A 538 -4.53 -7.33 -7.92
N ILE A 539 -5.11 -6.51 -7.06
CA ILE A 539 -5.83 -7.04 -5.88
C ILE A 539 -7.00 -7.93 -6.33
N LYS A 540 -7.70 -7.50 -7.38
CA LYS A 540 -8.80 -8.28 -7.92
C LYS A 540 -8.27 -9.65 -8.35
N TRP A 541 -7.20 -9.63 -9.15
CA TRP A 541 -6.60 -10.85 -9.67
C TRP A 541 -5.96 -11.72 -8.62
N LEU A 542 -5.26 -11.11 -7.67
CA LEU A 542 -4.75 -11.85 -6.51
C LEU A 542 -5.87 -12.61 -5.80
N ASP A 543 -6.97 -11.94 -5.45
CA ASP A 543 -8.04 -12.60 -4.65
C ASP A 543 -8.78 -13.70 -5.42
N SER A 544 -8.93 -13.52 -6.72
CA SER A 544 -9.59 -14.55 -7.52
C SER A 544 -8.67 -15.69 -7.92
N ASP A 545 -7.37 -15.44 -8.08
CA ASP A 545 -6.47 -16.45 -8.65
C ASP A 545 -5.29 -16.94 -7.81
N ALA A 546 -4.89 -16.18 -6.79
CA ALA A 546 -3.71 -16.49 -6.00
C ALA A 546 -4.11 -16.89 -4.59
N ARG A 547 -5.28 -17.50 -4.45
CA ARG A 547 -5.89 -17.58 -3.14
C ARG A 547 -6.94 -18.71 -3.08
N ASN A 548 -8.21 -18.37 -3.31
CA ASN A 548 -9.40 -19.23 -3.05
C ASN A 548 -10.71 -18.43 -3.15
P PO4 B . -15.31 6.39 21.01
O1 PO4 B . -14.46 5.83 19.90
O2 PO4 B . -15.57 5.25 21.95
O3 PO4 B . -14.51 7.42 21.79
O4 PO4 B . -16.58 7.03 20.40
MG MG C . -17.55 8.41 19.40
O28 I23 D . 14.16 -2.15 -21.28
C9 I23 D . 13.09 -1.68 -21.60
N8 I23 D . 12.06 -2.46 -22.02
C7 I23 D . 12.06 -3.93 -22.28
C6 I23 D . 12.88 -4.81 -21.35
C5 I23 D . 12.24 -6.20 -21.20
C4 I23 D . 12.54 -7.20 -22.32
C3 I23 D . 11.97 -6.75 -23.65
C2 I23 D . 12.83 -5.62 -24.20
C1 I23 D . 12.44 -4.19 -23.75
C10 I23 D . 13.01 -0.15 -21.56
C27 I23 D . 13.11 0.42 -20.14
C26 I23 D . 13.45 1.92 -20.16
N13 I23 D . 12.82 2.61 -21.30
C12 I23 D . 11.68 2.02 -22.03
C11 I23 D . 11.74 0.49 -22.14
S14 I23 D . 13.40 4.01 -21.67
O15 I23 D . 13.49 4.77 -20.45
O25 I23 D . 14.74 3.83 -22.16
C16 I23 D . 12.54 4.92 -22.71
C23 I23 D . 13.08 5.40 -24.04
C24 I23 D . 14.46 5.07 -24.55
C22 I23 D . 12.28 6.18 -24.87
C20 I23 D . 10.97 6.55 -24.51
C21 I23 D . 10.14 7.40 -25.44
C19 I23 D . 10.42 6.15 -23.28
C17 I23 D . 11.13 5.37 -22.38
C18 I23 D . 10.47 4.98 -21.09
#